data_1TTK
#
_entry.id   1TTK
#
_entity_poly.entity_id   1
_entity_poly.type   'polypeptide(L)'
_entity_poly.pdbx_seq_one_letter_code
;CKGKGAKCSRLMYDCCTGSCRSGKC(NH2)
;
_entity_poly.pdbx_strand_id   A
#
# COMPACT_ATOMS: atom_id res chain seq x y z
N CYS A 1 6.37 -0.20 5.78
CA CYS A 1 5.39 -0.76 4.81
C CYS A 1 4.18 -1.38 5.56
N LYS A 2 3.27 -1.95 4.80
CA LYS A 2 2.03 -2.57 5.39
C LYS A 2 1.53 -3.81 4.63
N GLY A 3 0.60 -4.48 5.26
CA GLY A 3 0.01 -5.71 4.65
C GLY A 3 -0.90 -5.34 3.48
N LYS A 4 -1.17 -6.29 2.62
CA LYS A 4 -2.06 -6.01 1.45
C LYS A 4 -3.44 -5.55 1.95
N GLY A 5 -4.10 -4.78 1.14
CA GLY A 5 -5.45 -4.27 1.51
C GLY A 5 -5.39 -3.29 2.71
N ALA A 6 -4.21 -2.91 3.12
CA ALA A 6 -4.06 -1.96 4.29
C ALA A 6 -3.91 -0.53 3.76
N LYS A 7 -3.55 0.39 4.63
CA LYS A 7 -3.37 1.80 4.21
C LYS A 7 -2.15 1.89 3.28
N CYS A 8 -2.27 2.61 2.19
CA CYS A 8 -1.12 2.75 1.24
C CYS A 8 -1.04 4.14 0.62
N SER A 9 -0.05 4.29 -0.24
CA SER A 9 0.19 5.58 -0.96
C SER A 9 0.80 5.24 -2.31
N ARG A 10 0.25 5.80 -3.35
CA ARG A 10 0.80 5.52 -4.73
C ARG A 10 2.03 6.39 -5.01
N LEU A 11 2.62 6.88 -3.94
CA LEU A 11 3.83 7.76 -4.02
C LEU A 11 4.90 7.23 -3.04
N MET A 12 4.51 6.26 -2.25
CA MET A 12 5.44 5.65 -1.25
C MET A 12 5.46 4.14 -1.39
N TYR A 13 4.28 3.61 -1.64
CA TYR A 13 4.08 2.14 -1.82
C TYR A 13 4.61 1.52 -0.53
N ASP A 14 3.90 1.93 0.49
CA ASP A 14 4.13 1.52 1.90
C ASP A 14 3.36 0.21 2.13
N CYS A 15 3.40 -0.58 1.10
CA CYS A 15 2.74 -1.92 1.08
C CYS A 15 3.73 -3.09 0.97
N CYS A 16 4.04 -3.63 2.12
CA CYS A 16 4.98 -4.78 2.24
C CYS A 16 4.60 -5.87 1.24
N THR A 17 3.31 -6.08 1.18
CA THR A 17 2.70 -7.10 0.27
C THR A 17 2.13 -6.52 -1.03
N GLY A 18 2.89 -5.66 -1.67
CA GLY A 18 2.38 -5.07 -2.96
C GLY A 18 2.69 -3.60 -3.18
N SER A 19 1.74 -2.99 -3.86
CA SER A 19 1.77 -1.56 -4.24
C SER A 19 0.47 -0.93 -3.73
N CYS A 20 0.30 0.36 -3.94
CA CYS A 20 -0.94 1.00 -3.46
C CYS A 20 -2.03 0.87 -4.53
N ARG A 21 -3.24 0.82 -4.05
CA ARG A 21 -4.43 0.69 -4.95
C ARG A 21 -5.52 1.65 -4.44
N SER A 22 -5.35 2.89 -4.84
CA SER A 22 -6.30 3.98 -4.46
C SER A 22 -6.38 4.18 -2.95
N GLY A 23 -5.22 4.18 -2.34
CA GLY A 23 -5.12 4.36 -0.86
C GLY A 23 -5.22 3.05 -0.07
N LYS A 24 -5.41 1.96 -0.75
CA LYS A 24 -5.52 0.63 -0.05
C LYS A 24 -4.48 -0.27 -0.76
N CYS A 25 -3.67 -1.03 -0.05
CA CYS A 25 -2.67 -1.87 -0.75
C CYS A 25 -3.22 -2.96 -1.66
N CYS A 1 6.40 0.16 5.61
CA CYS A 1 5.41 -0.48 4.70
C CYS A 1 4.39 -1.31 5.51
N LYS A 2 3.45 -1.91 4.81
CA LYS A 2 2.40 -2.75 5.48
C LYS A 2 1.86 -3.93 4.63
N GLY A 3 0.96 -4.64 5.26
CA GLY A 3 0.31 -5.84 4.62
C GLY A 3 -0.65 -5.52 3.47
N LYS A 4 -1.11 -6.58 2.85
CA LYS A 4 -2.05 -6.48 1.70
C LYS A 4 -3.38 -5.85 2.16
N GLY A 5 -3.92 -5.03 1.30
CA GLY A 5 -5.22 -4.34 1.59
C GLY A 5 -5.09 -3.34 2.75
N ALA A 6 -3.89 -3.12 3.21
CA ALA A 6 -3.67 -2.16 4.35
C ALA A 6 -3.53 -0.76 3.78
N LYS A 7 -3.49 0.23 4.64
CA LYS A 7 -3.35 1.64 4.15
C LYS A 7 -2.11 1.72 3.27
N CYS A 8 -2.24 2.40 2.17
CA CYS A 8 -1.08 2.52 1.24
C CYS A 8 -0.77 3.96 0.80
N SER A 9 0.22 4.04 -0.05
CA SER A 9 0.66 5.36 -0.60
C SER A 9 1.06 5.19 -2.07
N ARG A 10 0.40 5.94 -2.92
CA ARG A 10 0.69 5.87 -4.38
C ARG A 10 2.04 6.46 -4.77
N LEU A 11 2.82 6.86 -3.81
CA LEU A 11 4.15 7.44 -4.12
C LEU A 11 5.19 7.02 -3.06
N MET A 12 4.73 6.33 -2.03
CA MET A 12 5.66 5.86 -0.95
C MET A 12 5.60 4.34 -0.88
N TYR A 13 4.55 3.83 -1.47
CA TYR A 13 4.29 2.37 -1.54
C TYR A 13 4.54 1.72 -0.18
N ASP A 14 3.66 2.14 0.69
CA ASP A 14 3.61 1.70 2.12
C ASP A 14 3.04 0.26 2.19
N CYS A 15 3.19 -0.44 1.11
CA CYS A 15 2.71 -1.85 0.98
C CYS A 15 3.85 -2.85 0.82
N CYS A 16 4.25 -3.40 1.94
CA CYS A 16 5.35 -4.39 2.00
C CYS A 16 5.15 -5.48 0.94
N THR A 17 3.90 -5.85 0.83
CA THR A 17 3.48 -6.90 -0.15
C THR A 17 2.74 -6.33 -1.38
N GLY A 18 3.33 -5.35 -2.02
CA GLY A 18 2.68 -4.76 -3.23
C GLY A 18 2.81 -3.24 -3.40
N SER A 19 1.80 -2.70 -4.03
CA SER A 19 1.71 -1.24 -4.32
C SER A 19 0.35 -0.72 -3.83
N CYS A 20 0.21 0.59 -3.82
CA CYS A 20 -1.07 1.19 -3.35
C CYS A 20 -2.19 1.02 -4.39
N ARG A 21 -3.39 1.07 -3.91
CA ARG A 21 -4.59 0.92 -4.79
C ARG A 21 -5.66 1.87 -4.26
N SER A 22 -5.45 3.12 -4.59
CA SER A 22 -6.35 4.25 -4.21
C SER A 22 -6.42 4.48 -2.69
N GLY A 23 -5.65 3.72 -1.96
CA GLY A 23 -5.63 3.84 -0.48
C GLY A 23 -5.47 2.50 0.24
N LYS A 24 -5.61 1.42 -0.50
CA LYS A 24 -5.47 0.06 0.09
C LYS A 24 -4.38 -0.65 -0.68
N CYS A 25 -3.63 -1.53 -0.06
CA CYS A 25 -2.55 -2.21 -0.84
C CYS A 25 -3.09 -3.20 -1.86
N CYS A 1 6.04 -0.01 5.84
CA CYS A 1 5.10 -0.61 4.86
C CYS A 1 3.92 -1.28 5.60
N LYS A 2 3.01 -1.84 4.83
CA LYS A 2 1.80 -2.53 5.41
C LYS A 2 1.27 -3.69 4.57
N GLY A 3 0.43 -4.46 5.21
CA GLY A 3 -0.19 -5.66 4.56
C GLY A 3 -1.07 -5.28 3.36
N LYS A 4 -1.46 -6.26 2.59
CA LYS A 4 -2.31 -5.97 1.40
C LYS A 4 -3.69 -5.47 1.85
N GLY A 5 -4.25 -4.59 1.06
CA GLY A 5 -5.59 -4.02 1.39
C GLY A 5 -5.50 -3.04 2.57
N ALA A 6 -4.33 -2.93 3.14
CA ALA A 6 -4.13 -2.00 4.31
C ALA A 6 -3.67 -0.64 3.77
N LYS A 7 -3.97 0.40 4.48
CA LYS A 7 -3.60 1.79 4.07
C LYS A 7 -2.23 1.85 3.35
N CYS A 8 -2.25 2.40 2.16
CA CYS A 8 -1.00 2.51 1.36
C CYS A 8 -0.65 3.94 0.92
N SER A 9 0.40 4.03 0.13
CA SER A 9 0.85 5.34 -0.39
C SER A 9 1.13 5.24 -1.89
N ARG A 10 0.30 5.92 -2.65
CA ARG A 10 0.42 5.93 -4.14
C ARG A 10 1.77 6.57 -4.52
N LEU A 11 2.30 7.32 -3.60
CA LEU A 11 3.60 8.03 -3.79
C LEU A 11 4.82 7.26 -3.26
N MET A 12 4.64 6.24 -2.46
CA MET A 12 5.82 5.49 -1.94
C MET A 12 5.50 4.09 -1.46
N TYR A 13 4.65 3.47 -2.23
CA TYR A 13 4.16 2.07 -2.02
C TYR A 13 4.62 1.47 -0.69
N ASP A 14 3.90 1.95 0.28
CA ASP A 14 4.06 1.58 1.73
C ASP A 14 3.31 0.27 1.98
N CYS A 15 3.37 -0.55 0.96
CA CYS A 15 2.72 -1.90 0.97
C CYS A 15 3.68 -3.07 1.03
N CYS A 16 3.85 -3.57 2.25
CA CYS A 16 4.75 -4.72 2.50
C CYS A 16 4.40 -5.87 1.56
N THR A 17 3.11 -6.05 1.42
CA THR A 17 2.55 -7.14 0.55
C THR A 17 2.17 -6.65 -0.86
N GLY A 18 3.03 -5.85 -1.45
CA GLY A 18 2.74 -5.34 -2.84
C GLY A 18 2.97 -3.85 -3.08
N SER A 19 1.99 -3.26 -3.71
CA SER A 19 2.00 -1.80 -4.05
C SER A 19 0.68 -1.18 -3.60
N CYS A 20 0.61 0.13 -3.65
CA CYS A 20 -0.64 0.81 -3.21
C CYS A 20 -1.70 0.61 -4.29
N ARG A 21 -2.94 0.60 -3.85
CA ARG A 21 -4.08 0.42 -4.78
C ARG A 21 -5.16 1.44 -4.44
N SER A 22 -4.95 2.62 -4.98
CA SER A 22 -5.87 3.80 -4.82
C SER A 22 -6.00 4.30 -3.38
N GLY A 23 -5.21 3.73 -2.50
CA GLY A 23 -5.24 4.15 -1.07
C GLY A 23 -5.18 2.97 -0.09
N LYS A 24 -5.26 1.78 -0.61
CA LYS A 24 -5.21 0.53 0.22
C LYS A 24 -4.24 -0.37 -0.55
N CYS A 25 -3.51 -1.22 0.08
CA CYS A 25 -2.57 -2.07 -0.70
C CYS A 25 -3.17 -3.12 -1.63
N CYS A 1 6.37 -1.34 6.69
CA CYS A 1 5.38 -1.45 5.58
C CYS A 1 4.03 -1.92 6.11
N LYS A 2 3.05 -1.89 5.23
CA LYS A 2 1.65 -2.30 5.58
C LYS A 2 1.16 -3.59 4.91
N GLY A 3 0.17 -4.18 5.54
CA GLY A 3 -0.44 -5.45 5.04
C GLY A 3 -1.24 -5.21 3.76
N LYS A 4 -1.72 -6.30 3.18
CA LYS A 4 -2.51 -6.23 1.95
C LYS A 4 -3.89 -5.72 2.32
N GLY A 5 -4.34 -4.77 1.55
CA GLY A 5 -5.67 -4.14 1.78
C GLY A 5 -5.61 -3.11 2.91
N ALA A 6 -4.45 -2.97 3.50
CA ALA A 6 -4.26 -1.99 4.62
C ALA A 6 -3.90 -0.62 4.02
N LYS A 7 -3.93 0.40 4.84
CA LYS A 7 -3.60 1.78 4.35
C LYS A 7 -2.31 1.76 3.52
N CYS A 8 -2.27 2.59 2.51
CA CYS A 8 -1.06 2.64 1.64
C CYS A 8 -0.73 4.03 1.08
N SER A 9 0.26 4.07 0.20
CA SER A 9 0.71 5.35 -0.43
C SER A 9 0.72 5.22 -1.96
N ARG A 10 -0.10 6.02 -2.60
CA ARG A 10 -0.19 6.01 -4.10
C ARG A 10 1.07 6.63 -4.74
N LEU A 11 1.92 7.18 -3.91
CA LEU A 11 3.19 7.81 -4.41
C LEU A 11 4.45 7.33 -3.68
N MET A 12 4.34 6.24 -2.97
CA MET A 12 5.53 5.70 -2.24
C MET A 12 5.42 4.17 -2.22
N TYR A 13 4.19 3.72 -2.22
CA TYR A 13 3.88 2.25 -2.21
C TYR A 13 4.60 1.59 -1.04
N ASP A 14 4.26 2.12 0.11
CA ASP A 14 4.84 1.66 1.40
C ASP A 14 4.26 0.29 1.81
N CYS A 15 3.54 -0.30 0.90
CA CYS A 15 2.91 -1.63 1.12
C CYS A 15 3.85 -2.84 1.05
N CYS A 16 3.76 -3.63 2.09
CA CYS A 16 4.58 -4.86 2.19
C CYS A 16 4.32 -5.73 0.95
N THR A 17 3.06 -5.76 0.59
CA THR A 17 2.60 -6.57 -0.59
C THR A 17 2.82 -5.92 -1.96
N GLY A 18 3.83 -5.09 -2.02
CA GLY A 18 4.17 -4.39 -3.30
C GLY A 18 3.63 -2.99 -3.64
N SER A 19 2.34 -2.81 -3.74
CA SER A 19 1.82 -1.44 -4.09
C SER A 19 0.55 -0.99 -3.36
N CYS A 20 0.12 0.19 -3.74
CA CYS A 20 -1.09 0.84 -3.18
C CYS A 20 -2.15 0.85 -4.27
N ARG A 21 -3.38 0.89 -3.85
CA ARG A 21 -4.52 0.89 -4.81
C ARG A 21 -5.70 1.65 -4.21
N SER A 22 -5.73 2.89 -4.62
CA SER A 22 -6.78 3.87 -4.19
C SER A 22 -6.73 4.21 -2.70
N GLY A 23 -5.74 3.68 -2.02
CA GLY A 23 -5.58 3.95 -0.56
C GLY A 23 -5.42 2.66 0.26
N LYS A 24 -5.56 1.53 -0.38
CA LYS A 24 -5.41 0.21 0.33
C LYS A 24 -4.30 -0.53 -0.40
N CYS A 25 -3.60 -1.44 0.24
CA CYS A 25 -2.51 -2.14 -0.50
C CYS A 25 -2.93 -3.22 -1.49
N CYS A 1 6.15 -0.52 6.80
CA CYS A 1 5.32 -0.81 5.60
C CYS A 1 3.92 -1.28 6.04
N LYS A 2 3.10 -1.72 5.10
CA LYS A 2 1.71 -2.20 5.43
C LYS A 2 1.27 -3.50 4.75
N GLY A 3 0.12 -3.95 5.18
CA GLY A 3 -0.49 -5.22 4.65
C GLY A 3 -1.25 -5.06 3.31
N LYS A 4 -1.75 -6.18 2.85
CA LYS A 4 -2.52 -6.24 1.56
C LYS A 4 -3.87 -5.55 1.79
N GLY A 5 -4.18 -4.65 0.89
CA GLY A 5 -5.46 -3.89 0.96
C GLY A 5 -5.46 -2.90 2.13
N ALA A 6 -4.36 -2.83 2.83
CA ALA A 6 -4.24 -1.90 4.00
C ALA A 6 -3.85 -0.51 3.53
N LYS A 7 -3.80 0.40 4.47
CA LYS A 7 -3.44 1.81 4.17
C LYS A 7 -2.14 1.88 3.35
N CYS A 8 -2.24 2.44 2.18
CA CYS A 8 -1.04 2.56 1.29
C CYS A 8 -0.73 3.98 0.81
N SER A 9 0.35 4.06 0.07
CA SER A 9 0.83 5.35 -0.50
C SER A 9 0.90 5.20 -2.02
N ARG A 10 0.17 6.02 -2.72
CA ARG A 10 0.17 5.96 -4.21
C ARG A 10 1.45 6.61 -4.76
N LEU A 11 2.19 7.23 -3.88
CA LEU A 11 3.47 7.92 -4.26
C LEU A 11 4.69 7.29 -3.56
N MET A 12 4.50 6.21 -2.84
CA MET A 12 5.68 5.57 -2.15
C MET A 12 5.52 4.05 -2.12
N TYR A 13 4.28 3.63 -2.21
CA TYR A 13 3.95 2.17 -2.19
C TYR A 13 4.58 1.53 -0.95
N ASP A 14 4.11 2.07 0.15
CA ASP A 14 4.53 1.66 1.52
C ASP A 14 4.01 0.25 1.86
N CYS A 15 3.41 -0.38 0.89
CA CYS A 15 2.85 -1.75 1.06
C CYS A 15 3.90 -2.87 1.09
N CYS A 16 4.03 -3.45 2.27
CA CYS A 16 4.99 -4.56 2.52
C CYS A 16 4.91 -5.61 1.42
N THR A 17 3.68 -5.91 1.10
CA THR A 17 3.35 -6.92 0.06
C THR A 17 2.77 -6.36 -1.26
N GLY A 18 3.41 -5.35 -1.81
CA GLY A 18 2.87 -4.78 -3.10
C GLY A 18 2.92 -3.26 -3.28
N SER A 19 1.94 -2.81 -4.02
CA SER A 19 1.77 -1.36 -4.35
C SER A 19 0.47 -0.83 -3.74
N CYS A 20 0.12 0.39 -4.09
CA CYS A 20 -1.11 1.01 -3.55
C CYS A 20 -2.23 1.00 -4.60
N ARG A 21 -3.44 1.09 -4.12
CA ARG A 21 -4.64 1.08 -5.00
C ARG A 21 -5.71 2.02 -4.41
N SER A 22 -5.53 3.28 -4.72
CA SER A 22 -6.46 4.36 -4.24
C SER A 22 -6.48 4.54 -2.72
N GLY A 23 -5.54 3.89 -2.07
CA GLY A 23 -5.43 3.98 -0.57
C GLY A 23 -5.38 2.59 0.10
N LYS A 24 -5.59 1.57 -0.69
CA LYS A 24 -5.56 0.16 -0.16
C LYS A 24 -4.44 -0.56 -0.94
N CYS A 25 -3.61 -1.33 -0.28
CA CYS A 25 -2.53 -2.02 -1.02
C CYS A 25 -2.98 -3.02 -2.08
N CYS A 1 6.00 -0.43 6.98
CA CYS A 1 5.24 -0.80 5.76
C CYS A 1 3.87 -1.38 6.14
N LYS A 2 3.10 -1.79 5.16
CA LYS A 2 1.75 -2.38 5.46
C LYS A 2 1.37 -3.62 4.62
N GLY A 3 0.47 -4.39 5.19
CA GLY A 3 -0.02 -5.65 4.53
C GLY A 3 -0.99 -5.32 3.38
N LYS A 4 -1.28 -6.30 2.57
CA LYS A 4 -2.22 -6.06 1.43
C LYS A 4 -3.63 -5.72 1.93
N GLY A 5 -4.28 -4.80 1.26
CA GLY A 5 -5.66 -4.37 1.64
C GLY A 5 -5.63 -3.33 2.76
N ALA A 6 -4.46 -3.10 3.31
CA ALA A 6 -4.32 -2.11 4.42
C ALA A 6 -3.89 -0.75 3.88
N LYS A 7 -3.94 0.24 4.74
CA LYS A 7 -3.57 1.64 4.35
C LYS A 7 -2.24 1.64 3.60
N CYS A 8 -2.30 2.16 2.40
CA CYS A 8 -1.08 2.23 1.52
C CYS A 8 -0.61 3.64 1.20
N SER A 9 0.41 3.71 0.37
CA SER A 9 0.98 5.04 -0.03
C SER A 9 1.21 4.97 -1.54
N ARG A 10 0.45 5.73 -2.28
CA ARG A 10 0.60 5.74 -3.77
C ARG A 10 1.81 6.55 -4.28
N LEU A 11 2.58 7.07 -3.35
CA LEU A 11 3.78 7.88 -3.72
C LEU A 11 5.09 7.15 -3.39
N MET A 12 4.98 5.99 -2.79
CA MET A 12 6.21 5.19 -2.44
C MET A 12 5.87 3.70 -2.34
N TYR A 13 4.59 3.42 -2.37
CA TYR A 13 4.08 2.01 -2.28
C TYR A 13 4.76 1.36 -1.08
N ASP A 14 4.46 1.98 0.03
CA ASP A 14 5.00 1.56 1.36
C ASP A 14 4.40 0.21 1.80
N CYS A 15 3.66 -0.38 0.92
CA CYS A 15 3.03 -1.70 1.20
C CYS A 15 4.03 -2.86 1.23
N CYS A 16 4.18 -3.40 2.41
CA CYS A 16 5.11 -4.53 2.70
C CYS A 16 5.03 -5.59 1.60
N THR A 17 3.79 -5.81 1.21
CA THR A 17 3.49 -6.81 0.15
C THR A 17 2.75 -6.27 -1.10
N GLY A 18 3.33 -5.28 -1.75
CA GLY A 18 2.66 -4.72 -2.96
C GLY A 18 2.72 -3.22 -3.22
N SER A 19 1.68 -2.76 -3.87
CA SER A 19 1.52 -1.32 -4.25
C SER A 19 0.20 -0.77 -3.68
N CYS A 20 0.10 0.54 -3.70
CA CYS A 20 -1.12 1.20 -3.17
C CYS A 20 -2.21 1.20 -4.23
N ARG A 21 -3.44 1.09 -3.78
CA ARG A 21 -4.61 1.06 -4.70
C ARG A 21 -5.69 1.97 -4.13
N SER A 22 -5.49 3.24 -4.36
CA SER A 22 -6.41 4.33 -3.91
C SER A 22 -6.52 4.43 -2.38
N GLY A 23 -5.71 3.65 -1.71
CA GLY A 23 -5.71 3.65 -0.21
C GLY A 23 -5.53 2.25 0.38
N LYS A 24 -5.65 1.24 -0.43
CA LYS A 24 -5.48 -0.16 0.06
C LYS A 24 -4.32 -0.84 -0.69
N CYS A 25 -3.52 -1.58 0.02
CA CYS A 25 -2.37 -2.26 -0.65
C CYS A 25 -2.73 -3.42 -1.59
N CYS A 1 6.31 0.38 5.46
CA CYS A 1 5.35 -0.29 4.55
C CYS A 1 4.34 -1.13 5.37
N LYS A 2 3.39 -1.73 4.68
CA LYS A 2 2.33 -2.57 5.36
C LYS A 2 1.75 -3.75 4.54
N GLY A 3 0.82 -4.42 5.15
CA GLY A 3 0.13 -5.60 4.55
C GLY A 3 -0.90 -5.27 3.45
N LYS A 4 -1.45 -6.32 2.87
CA LYS A 4 -2.47 -6.15 1.78
C LYS A 4 -3.75 -5.47 2.28
N GLY A 5 -4.27 -4.63 1.42
CA GLY A 5 -5.51 -3.87 1.73
C GLY A 5 -5.29 -2.84 2.84
N ALA A 6 -4.09 -2.78 3.35
CA ALA A 6 -3.78 -1.81 4.45
C ALA A 6 -3.49 -0.43 3.85
N LYS A 7 -3.48 0.56 4.70
CA LYS A 7 -3.21 1.97 4.26
C LYS A 7 -1.95 1.98 3.40
N CYS A 8 -2.07 2.56 2.24
CA CYS A 8 -0.92 2.63 1.30
C CYS A 8 -0.60 4.02 0.80
N SER A 9 0.38 4.08 -0.07
CA SER A 9 0.83 5.36 -0.68
C SER A 9 1.15 5.10 -2.15
N ARG A 10 0.52 5.84 -3.02
CA ARG A 10 0.77 5.67 -4.48
C ARG A 10 2.12 6.29 -4.88
N LEU A 11 2.67 7.07 -3.97
CA LEU A 11 3.98 7.76 -4.21
C LEU A 11 5.08 7.21 -3.28
N MET A 12 4.75 6.27 -2.42
CA MET A 12 5.77 5.70 -1.49
C MET A 12 5.65 4.19 -1.41
N TYR A 13 4.55 3.69 -1.91
CA TYR A 13 4.27 2.23 -1.91
C TYR A 13 4.55 1.65 -0.53
N ASP A 14 3.73 2.15 0.36
CA ASP A 14 3.73 1.81 1.81
C ASP A 14 3.11 0.40 2.01
N CYS A 15 3.23 -0.39 0.98
CA CYS A 15 2.71 -1.79 0.96
C CYS A 15 3.85 -2.81 0.85
N CYS A 16 4.25 -3.30 1.99
CA CYS A 16 5.34 -4.31 2.08
C CYS A 16 5.13 -5.46 1.09
N THR A 17 3.88 -5.82 1.01
CA THR A 17 3.42 -6.92 0.11
C THR A 17 2.72 -6.43 -1.17
N GLY A 18 3.32 -5.47 -1.84
CA GLY A 18 2.70 -4.95 -3.10
C GLY A 18 2.83 -3.44 -3.31
N SER A 19 1.78 -2.90 -3.88
CA SER A 19 1.70 -1.43 -4.17
C SER A 19 0.37 -0.88 -3.66
N CYS A 20 0.21 0.41 -3.80
CA CYS A 20 -1.04 1.06 -3.32
C CYS A 20 -2.18 0.92 -4.35
N ARG A 21 -3.38 1.09 -3.87
CA ARG A 21 -4.58 0.98 -4.74
C ARG A 21 -5.62 1.99 -4.22
N SER A 22 -5.36 3.23 -4.56
CA SER A 22 -6.22 4.40 -4.18
C SER A 22 -6.25 4.66 -2.67
N GLY A 23 -5.48 3.89 -1.94
CA GLY A 23 -5.41 4.04 -0.46
C GLY A 23 -5.31 2.70 0.28
N LYS A 24 -5.52 1.63 -0.44
CA LYS A 24 -5.45 0.25 0.16
C LYS A 24 -4.38 -0.51 -0.60
N CYS A 25 -3.65 -1.39 0.05
CA CYS A 25 -2.60 -2.13 -0.71
C CYS A 25 -3.11 -3.17 -1.71
N CYS A 1 6.15 0.19 5.86
CA CYS A 1 5.18 -0.45 4.92
C CYS A 1 4.15 -1.28 5.70
N LYS A 2 3.23 -1.88 4.99
CA LYS A 2 2.15 -2.73 5.62
C LYS A 2 1.62 -3.84 4.70
N GLY A 3 0.66 -4.56 5.24
CA GLY A 3 0.01 -5.70 4.51
C GLY A 3 -0.92 -5.28 3.36
N LYS A 4 -1.34 -6.28 2.63
CA LYS A 4 -2.26 -6.06 1.46
C LYS A 4 -3.61 -5.47 1.91
N GLY A 5 -4.13 -4.58 1.10
CA GLY A 5 -5.44 -3.93 1.41
C GLY A 5 -5.34 -2.96 2.59
N ALA A 6 -4.16 -2.83 3.16
CA ALA A 6 -3.98 -1.91 4.33
C ALA A 6 -3.72 -0.49 3.82
N LYS A 7 -3.71 0.46 4.72
CA LYS A 7 -3.46 1.88 4.30
C LYS A 7 -2.18 1.93 3.44
N CYS A 8 -2.30 2.56 2.30
CA CYS A 8 -1.12 2.66 1.40
C CYS A 8 -0.94 4.06 0.78
N SER A 9 0.03 4.15 -0.09
CA SER A 9 0.35 5.45 -0.78
C SER A 9 0.60 5.22 -2.28
N ARG A 10 -0.11 5.97 -3.09
CA ARG A 10 0.03 5.87 -4.57
C ARG A 10 1.35 6.49 -5.08
N LEU A 11 2.28 6.69 -4.17
CA LEU A 11 3.61 7.27 -4.54
C LEU A 11 4.71 6.84 -3.57
N MET A 12 4.33 6.33 -2.42
CA MET A 12 5.35 5.87 -1.41
C MET A 12 5.31 4.36 -1.37
N TYR A 13 4.20 3.85 -1.83
CA TYR A 13 3.96 2.38 -1.88
C TYR A 13 4.35 1.73 -0.55
N ASP A 14 3.57 2.16 0.41
CA ASP A 14 3.68 1.74 1.84
C ASP A 14 3.15 0.29 1.99
N CYS A 15 3.15 -0.42 0.89
CA CYS A 15 2.68 -1.84 0.86
C CYS A 15 3.83 -2.85 0.84
N CYS A 16 4.12 -3.37 2.02
CA CYS A 16 5.21 -4.37 2.19
C CYS A 16 5.06 -5.51 1.18
N THR A 17 3.83 -5.88 0.99
CA THR A 17 3.47 -6.98 0.04
C THR A 17 2.87 -6.49 -1.29
N GLY A 18 3.51 -5.51 -1.89
CA GLY A 18 3.00 -4.98 -3.19
C GLY A 18 3.09 -3.47 -3.39
N SER A 19 2.00 -2.94 -3.91
CA SER A 19 1.89 -1.49 -4.20
C SER A 19 0.50 -1.01 -3.74
N CYS A 20 0.33 0.29 -3.72
CA CYS A 20 -0.95 0.87 -3.28
C CYS A 20 -2.04 0.77 -4.36
N ARG A 21 -3.25 0.71 -3.88
CA ARG A 21 -4.44 0.61 -4.77
C ARG A 21 -5.51 1.53 -4.17
N SER A 22 -5.34 2.79 -4.47
CA SER A 22 -6.23 3.92 -4.04
C SER A 22 -6.41 3.97 -2.52
N GLY A 23 -5.26 3.97 -1.89
CA GLY A 23 -5.19 4.02 -0.40
C GLY A 23 -5.29 2.66 0.30
N LYS A 24 -5.44 1.62 -0.47
CA LYS A 24 -5.56 0.24 0.11
C LYS A 24 -4.53 -0.57 -0.68
N CYS A 25 -3.65 -1.29 -0.05
CA CYS A 25 -2.65 -2.08 -0.83
C CYS A 25 -3.21 -3.15 -1.76
N CYS A 1 6.45 -1.83 7.20
CA CYS A 1 5.48 -1.76 6.07
C CYS A 1 4.09 -2.26 6.49
N LYS A 2 3.14 -2.06 5.61
CA LYS A 2 1.73 -2.49 5.88
C LYS A 2 1.31 -3.79 5.16
N GLY A 3 0.22 -4.36 5.62
CA GLY A 3 -0.32 -5.63 5.03
C GLY A 3 -1.28 -5.29 3.90
N LYS A 4 -1.65 -6.28 3.12
CA LYS A 4 -2.60 -6.02 1.98
C LYS A 4 -3.95 -5.48 2.47
N GLY A 5 -4.53 -4.63 1.67
CA GLY A 5 -5.85 -4.02 1.98
C GLY A 5 -5.73 -2.96 3.09
N ALA A 6 -4.56 -2.85 3.68
CA ALA A 6 -4.35 -1.84 4.77
C ALA A 6 -4.01 -0.51 4.13
N LYS A 7 -3.89 0.54 4.90
CA LYS A 7 -3.56 1.86 4.28
C LYS A 7 -2.31 1.76 3.39
N CYS A 8 -2.38 2.42 2.25
CA CYS A 8 -1.22 2.39 1.30
C CYS A 8 -0.85 3.77 0.76
N SER A 9 0.10 3.77 -0.15
CA SER A 9 0.58 5.02 -0.79
C SER A 9 1.00 4.63 -2.21
N ARG A 10 0.34 5.21 -3.18
CA ARG A 10 0.68 4.90 -4.60
C ARG A 10 1.74 5.87 -5.17
N LEU A 11 2.58 6.34 -4.28
CA LEU A 11 3.67 7.29 -4.67
C LEU A 11 4.75 7.11 -3.56
N MET A 12 4.74 5.95 -2.95
CA MET A 12 5.71 5.60 -1.86
C MET A 12 5.68 4.08 -1.69
N TYR A 13 4.49 3.57 -1.82
CA TYR A 13 4.22 2.10 -1.70
C TYR A 13 4.79 1.59 -0.37
N ASP A 14 4.21 2.18 0.63
CA ASP A 14 4.54 1.90 2.05
C ASP A 14 4.09 0.47 2.41
N CYS A 15 3.36 -0.11 1.48
CA CYS A 15 2.83 -1.49 1.64
C CYS A 15 3.93 -2.54 1.47
N CYS A 16 3.84 -3.56 2.28
CA CYS A 16 4.81 -4.68 2.23
C CYS A 16 4.72 -5.31 0.84
N THR A 17 3.49 -5.44 0.40
CA THR A 17 3.18 -6.03 -0.94
C THR A 17 3.42 -5.07 -2.10
N GLY A 18 3.94 -3.94 -1.70
CA GLY A 18 4.31 -2.80 -2.60
C GLY A 18 3.35 -2.53 -3.76
N SER A 19 2.07 -2.46 -3.47
CA SER A 19 1.08 -2.20 -4.56
C SER A 19 -0.14 -1.47 -4.02
N CYS A 20 -0.01 -0.17 -3.88
CA CYS A 20 -1.15 0.62 -3.36
C CYS A 20 -2.29 0.68 -4.37
N ARG A 21 -3.47 0.46 -3.85
CA ARG A 21 -4.72 0.46 -4.67
C ARG A 21 -5.67 1.56 -4.20
N SER A 22 -5.33 2.76 -4.60
CA SER A 22 -6.11 4.00 -4.29
C SER A 22 -6.18 4.30 -2.79
N GLY A 23 -5.46 3.52 -2.02
CA GLY A 23 -5.45 3.71 -0.53
C GLY A 23 -5.43 2.40 0.24
N LYS A 24 -5.52 1.29 -0.46
CA LYS A 24 -5.50 -0.05 0.21
C LYS A 24 -4.35 -0.84 -0.40
N CYS A 25 -3.57 -1.50 0.42
CA CYS A 25 -2.42 -2.27 -0.13
C CYS A 25 -2.75 -3.42 -1.07
N CYS A 1 6.17 -0.02 6.16
CA CYS A 1 5.25 -0.55 5.11
C CYS A 1 4.03 -1.23 5.76
N LYS A 2 3.13 -1.73 4.94
CA LYS A 2 1.88 -2.41 5.44
C LYS A 2 1.40 -3.62 4.63
N GLY A 3 0.44 -4.30 5.22
CA GLY A 3 -0.17 -5.51 4.60
C GLY A 3 -1.02 -5.17 3.34
N LYS A 4 -1.37 -6.19 2.60
CA LYS A 4 -2.19 -5.99 1.37
C LYS A 4 -3.58 -5.44 1.72
N GLY A 5 -4.04 -4.54 0.89
CA GLY A 5 -5.38 -3.91 1.08
C GLY A 5 -5.41 -2.96 2.29
N ALA A 6 -4.29 -2.82 2.96
CA ALA A 6 -4.20 -1.92 4.16
C ALA A 6 -3.91 -0.48 3.69
N LYS A 7 -3.90 0.44 4.62
CA LYS A 7 -3.62 1.86 4.24
C LYS A 7 -2.29 1.92 3.47
N CYS A 8 -2.36 2.50 2.29
CA CYS A 8 -1.14 2.61 1.44
C CYS A 8 -0.82 4.05 1.07
N SER A 9 0.13 4.20 0.17
CA SER A 9 0.54 5.55 -0.28
C SER A 9 0.84 5.54 -1.78
N ARG A 10 0.05 6.28 -2.50
CA ARG A 10 0.24 6.35 -3.98
C ARG A 10 1.41 7.30 -4.24
N LEU A 11 2.55 6.67 -4.41
CA LEU A 11 3.91 7.29 -4.69
C LEU A 11 4.99 6.89 -3.67
N MET A 12 4.61 6.39 -2.52
CA MET A 12 5.63 5.99 -1.50
C MET A 12 5.58 4.48 -1.41
N TYR A 13 4.42 3.98 -1.68
CA TYR A 13 4.15 2.51 -1.66
C TYR A 13 4.64 1.87 -0.36
N ASP A 14 3.93 2.32 0.64
CA ASP A 14 4.11 1.93 2.06
C ASP A 14 3.41 0.56 2.28
N CYS A 15 3.45 -0.22 1.23
CA CYS A 15 2.83 -1.59 1.23
C CYS A 15 3.84 -2.75 1.20
N CYS A 16 4.03 -3.33 2.36
CA CYS A 16 4.97 -4.47 2.52
C CYS A 16 4.64 -5.56 1.49
N THR A 17 3.35 -5.80 1.39
CA THR A 17 2.82 -6.83 0.45
C THR A 17 2.45 -6.28 -0.94
N GLY A 18 3.30 -5.41 -1.46
CA GLY A 18 3.04 -4.84 -2.82
C GLY A 18 3.20 -3.32 -2.96
N SER A 19 2.22 -2.74 -3.61
CA SER A 19 2.17 -1.26 -3.87
C SER A 19 0.82 -0.74 -3.41
N CYS A 20 0.54 0.50 -3.69
CA CYS A 20 -0.77 1.09 -3.27
C CYS A 20 -1.77 0.88 -4.39
N ARG A 21 -3.01 0.77 -4.00
CA ARG A 21 -4.10 0.56 -5.00
C ARG A 21 -5.34 1.31 -4.48
N SER A 22 -5.32 2.58 -4.79
CA SER A 22 -6.43 3.51 -4.41
C SER A 22 -6.60 3.58 -2.88
N GLY A 23 -5.48 3.85 -2.25
CA GLY A 23 -5.44 3.97 -0.76
C GLY A 23 -5.44 2.61 -0.05
N LYS A 24 -5.50 1.54 -0.79
CA LYS A 24 -5.49 0.17 -0.19
C LYS A 24 -4.38 -0.57 -0.90
N CYS A 25 -3.53 -1.24 -0.15
CA CYS A 25 -2.41 -1.97 -0.81
C CYS A 25 -2.83 -3.04 -1.82
N CYS A 1 6.00 -1.85 7.14
CA CYS A 1 5.14 -1.82 5.93
C CYS A 1 3.74 -2.36 6.23
N LYS A 2 2.86 -2.17 5.28
CA LYS A 2 1.43 -2.63 5.43
C LYS A 2 0.98 -3.85 4.62
N GLY A 3 0.06 -4.56 5.24
CA GLY A 3 -0.53 -5.79 4.63
C GLY A 3 -1.54 -5.39 3.54
N LYS A 4 -1.76 -6.28 2.61
CA LYS A 4 -2.70 -6.05 1.48
C LYS A 4 -4.09 -5.68 2.03
N GLY A 5 -4.55 -4.51 1.65
CA GLY A 5 -5.89 -4.00 2.09
C GLY A 5 -5.79 -2.87 3.11
N ALA A 6 -4.60 -2.64 3.61
CA ALA A 6 -4.38 -1.56 4.64
C ALA A 6 -3.91 -0.27 3.96
N LYS A 7 -3.86 0.79 4.71
CA LYS A 7 -3.40 2.11 4.17
C LYS A 7 -2.16 2.00 3.27
N CYS A 8 -2.26 2.54 2.09
CA CYS A 8 -1.10 2.49 1.14
C CYS A 8 -0.70 3.85 0.56
N SER A 9 0.27 3.82 -0.32
CA SER A 9 0.78 5.05 -0.98
C SER A 9 1.17 4.71 -2.44
N ARG A 10 0.55 5.38 -3.38
CA ARG A 10 0.86 5.12 -4.82
C ARG A 10 2.05 5.97 -5.29
N LEU A 11 2.76 6.51 -4.33
CA LEU A 11 3.96 7.37 -4.59
C LEU A 11 5.11 6.93 -3.67
N MET A 12 4.85 5.94 -2.85
CA MET A 12 5.89 5.41 -1.91
C MET A 12 5.80 3.89 -1.84
N TYR A 13 4.58 3.42 -1.90
CA TYR A 13 4.28 1.96 -1.85
C TYR A 13 4.87 1.43 -0.55
N ASP A 14 4.34 2.05 0.48
CA ASP A 14 4.71 1.77 1.90
C ASP A 14 4.21 0.36 2.28
N CYS A 15 3.47 -0.20 1.36
CA CYS A 15 2.88 -1.55 1.51
C CYS A 15 3.92 -2.64 1.34
N CYS A 16 3.79 -3.64 2.18
CA CYS A 16 4.70 -4.82 2.16
C CYS A 16 4.60 -5.46 0.76
N THR A 17 3.37 -5.53 0.30
CA THR A 17 3.07 -6.12 -1.05
C THR A 17 3.35 -5.16 -2.22
N GLY A 18 3.90 -4.05 -1.80
CA GLY A 18 4.29 -2.92 -2.70
C GLY A 18 3.34 -2.62 -3.86
N SER A 19 2.11 -2.34 -3.56
CA SER A 19 1.11 -2.04 -4.64
C SER A 19 -0.09 -1.27 -4.10
N CYS A 20 0.06 0.03 -3.98
CA CYS A 20 -1.09 0.83 -3.45
C CYS A 20 -2.25 0.89 -4.45
N ARG A 21 -3.41 0.62 -3.92
CA ARG A 21 -4.67 0.61 -4.72
C ARG A 21 -5.61 1.75 -4.26
N SER A 22 -5.22 2.94 -4.65
CA SER A 22 -5.96 4.20 -4.33
C SER A 22 -6.08 4.47 -2.83
N GLY A 23 -5.41 3.64 -2.06
CA GLY A 23 -5.45 3.78 -0.58
C GLY A 23 -5.38 2.45 0.17
N LYS A 24 -5.45 1.36 -0.56
CA LYS A 24 -5.40 0.01 0.10
C LYS A 24 -4.26 -0.80 -0.53
N CYS A 25 -3.47 -1.44 0.29
CA CYS A 25 -2.33 -2.24 -0.23
C CYS A 25 -2.69 -3.41 -1.14
N CYS A 1 6.42 -0.86 6.45
CA CYS A 1 5.61 -1.20 5.24
C CYS A 1 4.21 -1.59 5.68
N LYS A 2 3.39 -1.99 4.74
CA LYS A 2 1.98 -2.41 5.06
C LYS A 2 1.53 -3.66 4.31
N GLY A 3 0.39 -4.13 4.74
CA GLY A 3 -0.26 -5.36 4.16
C GLY A 3 -1.30 -5.03 3.09
N LYS A 4 -1.61 -6.02 2.28
CA LYS A 4 -2.62 -5.85 1.17
C LYS A 4 -3.98 -5.38 1.69
N GLY A 5 -4.51 -4.41 0.98
CA GLY A 5 -5.84 -3.81 1.33
C GLY A 5 -5.76 -2.89 2.54
N ALA A 6 -4.60 -2.80 3.14
CA ALA A 6 -4.42 -1.93 4.34
C ALA A 6 -3.86 -0.57 3.91
N LYS A 7 -3.87 0.35 4.83
CA LYS A 7 -3.36 1.74 4.58
C LYS A 7 -2.11 1.79 3.70
N CYS A 8 -2.21 2.52 2.61
CA CYS A 8 -1.05 2.63 1.69
C CYS A 8 -0.84 4.03 1.11
N SER A 9 0.17 4.14 0.26
CA SER A 9 0.50 5.43 -0.38
C SER A 9 0.75 5.20 -1.89
N ARG A 10 0.02 5.92 -2.70
CA ARG A 10 0.16 5.79 -4.18
C ARG A 10 1.38 6.55 -4.71
N LEU A 11 2.05 7.25 -3.82
CA LEU A 11 3.26 8.04 -4.19
C LEU A 11 4.47 7.63 -3.34
N MET A 12 4.34 6.52 -2.65
CA MET A 12 5.47 6.03 -1.79
C MET A 12 5.40 4.50 -1.64
N TYR A 13 4.29 3.95 -2.04
CA TYR A 13 4.03 2.47 -2.00
C TYR A 13 4.67 1.82 -0.77
N ASP A 14 4.16 2.25 0.35
CA ASP A 14 4.59 1.78 1.69
C ASP A 14 4.00 0.39 1.97
N CYS A 15 3.62 -0.28 0.91
CA CYS A 15 3.03 -1.65 0.99
C CYS A 15 4.04 -2.78 0.77
N CYS A 16 4.36 -3.52 1.80
CA CYS A 16 5.34 -4.64 1.57
C CYS A 16 4.86 -5.57 0.46
N THR A 17 3.57 -5.70 0.41
CA THR A 17 2.90 -6.57 -0.61
C THR A 17 2.88 -6.04 -2.04
N GLY A 18 3.82 -5.18 -2.32
CA GLY A 18 3.94 -4.58 -3.69
C GLY A 18 3.59 -3.10 -3.88
N SER A 19 2.31 -2.78 -3.94
CA SER A 19 1.92 -1.35 -4.13
C SER A 19 0.58 -0.97 -3.48
N CYS A 20 0.23 0.27 -3.70
CA CYS A 20 -1.02 0.85 -3.15
C CYS A 20 -2.13 0.81 -4.19
N ARG A 21 -3.34 0.71 -3.69
CA ARG A 21 -4.54 0.65 -4.58
C ARG A 21 -5.66 1.46 -3.93
N SER A 22 -5.61 2.73 -4.24
CA SER A 22 -6.61 3.73 -3.73
C SER A 22 -6.59 3.80 -2.19
N GLY A 23 -5.40 3.95 -1.69
CA GLY A 23 -5.19 4.05 -0.21
C GLY A 23 -5.25 2.69 0.50
N LYS A 24 -5.43 1.64 -0.25
CA LYS A 24 -5.49 0.26 0.33
C LYS A 24 -4.49 -0.52 -0.51
N CYS A 25 -3.54 -1.17 0.10
CA CYS A 25 -2.54 -1.93 -0.68
C CYS A 25 -3.05 -3.00 -1.64
N CYS A 1 6.14 0.20 5.90
CA CYS A 1 5.22 -0.44 4.92
C CYS A 1 4.10 -1.21 5.64
N LYS A 2 3.25 -1.85 4.89
CA LYS A 2 2.09 -2.64 5.46
C LYS A 2 1.70 -3.91 4.67
N GLY A 3 0.69 -4.57 5.19
CA GLY A 3 0.16 -5.82 4.57
C GLY A 3 -0.78 -5.50 3.39
N LYS A 4 -1.11 -6.50 2.61
CA LYS A 4 -2.01 -6.21 1.45
C LYS A 4 -3.38 -5.82 2.02
N GLY A 5 -4.14 -5.08 1.25
CA GLY A 5 -5.48 -4.63 1.71
C GLY A 5 -5.38 -3.69 2.93
N ALA A 6 -4.18 -3.31 3.30
CA ALA A 6 -3.99 -2.39 4.47
C ALA A 6 -3.87 -0.96 3.96
N LYS A 7 -3.48 -0.04 4.80
CA LYS A 7 -3.34 1.37 4.33
C LYS A 7 -2.15 1.43 3.37
N CYS A 8 -2.28 2.20 2.34
CA CYS A 8 -1.16 2.32 1.35
C CYS A 8 -0.91 3.76 0.90
N SER A 9 0.05 3.90 0.03
CA SER A 9 0.40 5.25 -0.51
C SER A 9 0.77 5.16 -2.00
N ARG A 10 0.12 6.01 -2.76
CA ARG A 10 0.35 6.07 -4.24
C ARG A 10 1.75 6.51 -4.66
N LEU A 11 2.50 7.04 -3.71
CA LEU A 11 3.89 7.50 -4.02
C LEU A 11 4.89 7.19 -2.90
N MET A 12 4.63 6.11 -2.22
CA MET A 12 5.51 5.66 -1.09
C MET A 12 5.44 4.15 -1.03
N TYR A 13 4.35 3.63 -1.54
CA TYR A 13 4.11 2.16 -1.58
C TYR A 13 4.45 1.55 -0.21
N ASP A 14 3.61 1.98 0.67
CA ASP A 14 3.61 1.61 2.11
C ASP A 14 2.99 0.21 2.28
N CYS A 15 3.19 -0.57 1.24
CA CYS A 15 2.68 -1.98 1.18
C CYS A 15 3.84 -2.99 1.04
N CYS A 16 4.27 -3.45 2.19
CA CYS A 16 5.37 -4.43 2.32
C CYS A 16 5.23 -5.56 1.30
N THR A 17 3.98 -5.94 1.15
CA THR A 17 3.60 -7.02 0.22
C THR A 17 2.75 -6.53 -0.98
N GLY A 18 3.28 -5.59 -1.72
CA GLY A 18 2.53 -5.07 -2.91
C GLY A 18 2.62 -3.57 -3.21
N SER A 19 1.60 -3.12 -3.88
CA SER A 19 1.47 -1.69 -4.30
C SER A 19 0.18 -1.11 -3.74
N CYS A 20 0.03 0.19 -3.86
CA CYS A 20 -1.19 0.85 -3.35
C CYS A 20 -2.31 0.71 -4.38
N ARG A 21 -3.52 0.68 -3.87
CA ARG A 21 -4.71 0.54 -4.74
C ARG A 21 -5.82 1.40 -4.13
N SER A 22 -5.72 2.65 -4.49
CA SER A 22 -6.69 3.70 -4.03
C SER A 22 -6.71 3.83 -2.50
N GLY A 23 -5.52 3.96 -1.98
CA GLY A 23 -5.33 4.10 -0.50
C GLY A 23 -5.36 2.78 0.26
N LYS A 24 -5.57 1.69 -0.46
CA LYS A 24 -5.61 0.35 0.21
C LYS A 24 -4.61 -0.53 -0.55
N CYS A 25 -3.78 -1.32 0.10
CA CYS A 25 -2.81 -2.15 -0.67
C CYS A 25 -3.44 -3.20 -1.57
N CYS A 1 6.41 -1.51 6.86
CA CYS A 1 5.44 -1.52 5.73
C CYS A 1 4.06 -1.99 6.19
N LYS A 2 3.11 -1.87 5.30
CA LYS A 2 1.69 -2.28 5.60
C LYS A 2 1.27 -3.63 4.99
N GLY A 3 0.17 -4.14 5.50
CA GLY A 3 -0.39 -5.45 5.04
C GLY A 3 -1.28 -5.30 3.81
N LYS A 4 -1.85 -6.41 3.40
CA LYS A 4 -2.76 -6.45 2.21
C LYS A 4 -4.02 -5.59 2.43
N GLY A 5 -4.30 -4.77 1.45
CA GLY A 5 -5.50 -3.87 1.50
C GLY A 5 -5.43 -2.84 2.64
N ALA A 6 -4.30 -2.79 3.30
CA ALA A 6 -4.12 -1.83 4.43
C ALA A 6 -3.83 -0.43 3.88
N LYS A 7 -3.81 0.56 4.73
CA LYS A 7 -3.54 1.96 4.26
C LYS A 7 -2.30 1.98 3.36
N CYS A 8 -2.44 2.59 2.21
CA CYS A 8 -1.27 2.66 1.27
C CYS A 8 -1.02 4.04 0.66
N SER A 9 0.05 4.09 -0.11
CA SER A 9 0.47 5.34 -0.82
C SER A 9 0.55 5.02 -2.32
N ARG A 10 -0.22 5.76 -3.08
CA ARG A 10 -0.26 5.56 -4.55
C ARG A 10 1.02 6.09 -5.24
N LEU A 11 1.85 6.76 -4.48
CA LEU A 11 3.12 7.33 -5.03
C LEU A 11 4.34 6.98 -4.14
N MET A 12 4.18 6.04 -3.24
CA MET A 12 5.32 5.64 -2.35
C MET A 12 5.26 4.14 -2.15
N TYR A 13 4.06 3.61 -2.22
CA TYR A 13 3.85 2.14 -2.05
C TYR A 13 4.50 1.68 -0.75
N ASP A 14 3.97 2.27 0.29
CA ASP A 14 4.42 2.01 1.69
C ASP A 14 4.02 0.56 2.07
N CYS A 15 3.26 -0.04 1.19
CA CYS A 15 2.77 -1.44 1.36
C CYS A 15 3.89 -2.47 1.25
N CYS A 16 3.77 -3.49 2.05
CA CYS A 16 4.78 -4.59 2.04
C CYS A 16 4.68 -5.26 0.66
N THR A 17 3.45 -5.40 0.24
CA THR A 17 3.11 -6.02 -1.08
C THR A 17 3.31 -5.08 -2.27
N GLY A 18 3.77 -3.93 -1.90
CA GLY A 18 4.08 -2.80 -2.84
C GLY A 18 3.10 -2.62 -4.00
N SER A 19 1.85 -2.40 -3.70
CA SER A 19 0.84 -2.22 -4.80
C SER A 19 -0.39 -1.47 -4.29
N CYS A 20 -0.21 -0.19 -4.02
CA CYS A 20 -1.34 0.62 -3.50
C CYS A 20 -2.49 0.71 -4.50
N ARG A 21 -3.68 0.55 -3.96
CA ARG A 21 -4.93 0.60 -4.75
C ARG A 21 -5.83 1.76 -4.26
N SER A 22 -5.42 2.94 -4.64
CA SER A 22 -6.13 4.22 -4.30
C SER A 22 -6.18 4.48 -2.78
N GLY A 23 -5.53 3.62 -2.04
CA GLY A 23 -5.49 3.77 -0.56
C GLY A 23 -5.45 2.43 0.18
N LYS A 24 -5.61 1.35 -0.55
CA LYS A 24 -5.57 -0.01 0.09
C LYS A 24 -4.47 -0.82 -0.60
N CYS A 25 -3.62 -1.45 0.17
CA CYS A 25 -2.50 -2.25 -0.43
C CYS A 25 -2.90 -3.37 -1.38
N CYS A 1 6.34 -0.28 6.58
CA CYS A 1 5.42 -0.66 5.47
C CYS A 1 4.09 -1.20 6.05
N LYS A 2 3.26 -1.74 5.19
CA LYS A 2 1.92 -2.30 5.63
C LYS A 2 1.52 -3.59 4.90
N GLY A 3 0.46 -4.17 5.40
CA GLY A 3 -0.09 -5.44 4.83
C GLY A 3 -0.97 -5.22 3.59
N LYS A 4 -1.38 -6.32 3.01
CA LYS A 4 -2.26 -6.28 1.81
C LYS A 4 -3.62 -5.67 2.16
N GLY A 5 -4.10 -4.82 1.29
CA GLY A 5 -5.42 -4.15 1.50
C GLY A 5 -5.40 -3.15 2.68
N ALA A 6 -4.23 -2.93 3.24
CA ALA A 6 -4.10 -1.98 4.39
C ALA A 6 -3.77 -0.59 3.86
N LYS A 7 -3.77 0.40 4.74
CA LYS A 7 -3.45 1.80 4.31
C LYS A 7 -2.17 1.79 3.46
N CYS A 8 -2.23 2.44 2.33
CA CYS A 8 -1.05 2.50 1.43
C CYS A 8 -0.72 3.89 0.86
N SER A 9 0.26 3.91 -0.01
CA SER A 9 0.71 5.18 -0.67
C SER A 9 0.91 4.93 -2.17
N ARG A 10 0.18 5.66 -2.99
CA ARG A 10 0.31 5.52 -4.48
C ARG A 10 1.47 6.38 -5.02
N LEU A 11 2.46 6.55 -4.19
CA LEU A 11 3.66 7.36 -4.56
C LEU A 11 4.86 6.91 -3.72
N MET A 12 4.59 6.25 -2.62
CA MET A 12 5.68 5.75 -1.72
C MET A 12 5.60 4.23 -1.75
N TYR A 13 4.39 3.75 -1.95
CA TYR A 13 4.11 2.29 -2.01
C TYR A 13 4.63 1.63 -0.74
N ASP A 14 4.01 2.12 0.31
CA ASP A 14 4.27 1.69 1.70
C ASP A 14 3.78 0.25 1.93
N CYS A 15 3.33 -0.38 0.87
CA CYS A 15 2.83 -1.78 0.95
C CYS A 15 3.92 -2.87 0.97
N CYS A 16 4.13 -3.40 2.14
CA CYS A 16 5.14 -4.48 2.38
C CYS A 16 5.02 -5.55 1.28
N THR A 17 3.78 -5.87 1.03
CA THR A 17 3.41 -6.89 0.03
C THR A 17 2.70 -6.36 -1.25
N GLY A 18 3.30 -5.38 -1.89
CA GLY A 18 2.65 -4.82 -3.14
C GLY A 18 2.73 -3.32 -3.37
N SER A 19 1.70 -2.85 -4.03
CA SER A 19 1.56 -1.40 -4.40
C SER A 19 0.21 -0.88 -3.90
N CYS A 20 0.08 0.42 -3.81
CA CYS A 20 -1.19 1.03 -3.33
C CYS A 20 -2.29 1.06 -4.39
N ARG A 21 -3.49 0.74 -3.94
CA ARG A 21 -4.70 0.71 -4.82
C ARG A 21 -5.60 1.86 -4.33
N SER A 22 -5.20 3.04 -4.72
CA SER A 22 -5.89 4.34 -4.39
C SER A 22 -6.10 4.54 -2.90
N GLY A 23 -5.43 3.72 -2.12
CA GLY A 23 -5.55 3.83 -0.64
C GLY A 23 -5.43 2.49 0.12
N LYS A 24 -5.57 1.39 -0.58
CA LYS A 24 -5.47 0.05 0.09
C LYS A 24 -4.45 -0.77 -0.69
N CYS A 25 -3.55 -1.46 -0.03
CA CYS A 25 -2.55 -2.25 -0.78
C CYS A 25 -3.14 -3.34 -1.69
N CYS A 1 6.23 0.13 5.83
CA CYS A 1 5.30 -0.48 4.83
C CYS A 1 4.14 -1.17 5.56
N LYS A 2 3.26 -1.77 4.78
CA LYS A 2 2.06 -2.49 5.35
C LYS A 2 1.63 -3.74 4.55
N GLY A 3 0.60 -4.36 5.06
CA GLY A 3 0.03 -5.59 4.44
C GLY A 3 -0.89 -5.26 3.26
N LYS A 4 -1.32 -6.27 2.56
CA LYS A 4 -2.24 -6.07 1.39
C LYS A 4 -3.59 -5.48 1.84
N GLY A 5 -4.10 -4.58 1.04
CA GLY A 5 -5.41 -3.92 1.35
C GLY A 5 -5.32 -2.98 2.56
N ALA A 6 -4.13 -2.84 3.11
CA ALA A 6 -3.94 -1.94 4.30
C ALA A 6 -3.60 -0.53 3.81
N LYS A 7 -3.57 0.42 4.71
CA LYS A 7 -3.23 1.83 4.32
C LYS A 7 -1.97 1.82 3.45
N CYS A 8 -2.05 2.51 2.34
CA CYS A 8 -0.87 2.55 1.42
C CYS A 8 -0.58 3.94 0.83
N SER A 9 0.44 3.97 0.00
CA SER A 9 0.86 5.25 -0.66
C SER A 9 1.31 4.94 -2.10
N ARG A 10 0.71 5.61 -3.04
CA ARG A 10 1.08 5.38 -4.48
C ARG A 10 2.42 6.07 -4.83
N LEU A 11 2.89 6.87 -3.90
CA LEU A 11 4.17 7.62 -4.07
C LEU A 11 5.22 7.26 -3.01
N MET A 12 4.92 6.25 -2.22
CA MET A 12 5.87 5.79 -1.15
C MET A 12 5.79 4.28 -1.04
N TYR A 13 4.79 3.73 -1.68
CA TYR A 13 4.53 2.26 -1.69
C TYR A 13 4.77 1.66 -0.31
N ASP A 14 3.88 2.11 0.53
CA ASP A 14 3.81 1.72 1.97
C ASP A 14 3.18 0.31 2.08
N CYS A 15 3.38 -0.45 1.04
CA CYS A 15 2.87 -1.85 0.94
C CYS A 15 3.99 -2.90 0.88
N CYS A 16 4.28 -3.44 2.04
CA CYS A 16 5.33 -4.48 2.21
C CYS A 16 5.16 -5.59 1.16
N THR A 17 3.91 -5.92 0.98
CA THR A 17 3.53 -6.99 0.01
C THR A 17 2.88 -6.46 -1.29
N GLY A 18 3.51 -5.48 -1.90
CA GLY A 18 2.95 -4.93 -3.18
C GLY A 18 3.04 -3.41 -3.38
N SER A 19 2.00 -2.90 -4.00
CA SER A 19 1.87 -1.45 -4.32
C SER A 19 0.53 -0.94 -3.77
N CYS A 20 0.34 0.35 -3.84
CA CYS A 20 -0.93 0.94 -3.33
C CYS A 20 -2.02 0.89 -4.40
N ARG A 21 -3.25 0.79 -3.94
CA ARG A 21 -4.41 0.73 -4.86
C ARG A 21 -5.50 1.66 -4.35
N SER A 22 -5.35 2.90 -4.74
CA SER A 22 -6.30 4.01 -4.37
C SER A 22 -6.32 4.33 -2.87
N GLY A 23 -5.41 3.75 -2.14
CA GLY A 23 -5.33 3.98 -0.67
C GLY A 23 -5.25 2.67 0.13
N LYS A 24 -5.42 1.57 -0.56
CA LYS A 24 -5.35 0.23 0.11
C LYS A 24 -4.36 -0.58 -0.72
N CYS A 25 -3.46 -1.28 -0.09
CA CYS A 25 -2.47 -2.07 -0.86
C CYS A 25 -3.07 -3.12 -1.80
N CYS A 1 6.70 -0.34 5.74
CA CYS A 1 5.60 -0.79 4.83
C CYS A 1 4.44 -1.34 5.67
N LYS A 2 3.41 -1.82 5.00
CA LYS A 2 2.20 -2.40 5.69
C LYS A 2 1.54 -3.59 4.99
N GLY A 3 0.62 -4.16 5.72
CA GLY A 3 -0.17 -5.35 5.25
C GLY A 3 -0.98 -5.15 3.96
N LYS A 4 -1.47 -6.27 3.47
CA LYS A 4 -2.29 -6.29 2.22
C LYS A 4 -3.67 -5.73 2.55
N GLY A 5 -4.07 -4.79 1.74
CA GLY A 5 -5.39 -4.12 1.91
C GLY A 5 -5.32 -3.06 3.02
N ALA A 6 -4.13 -2.88 3.56
CA ALA A 6 -3.93 -1.87 4.64
C ALA A 6 -3.68 -0.51 4.01
N LYS A 7 -3.67 0.52 4.84
CA LYS A 7 -3.43 1.90 4.33
C LYS A 7 -2.17 1.92 3.46
N CYS A 8 -2.27 2.55 2.33
CA CYS A 8 -1.08 2.62 1.42
C CYS A 8 -0.85 4.01 0.81
N SER A 9 0.17 4.05 -0.02
CA SER A 9 0.55 5.33 -0.69
C SER A 9 0.92 5.03 -2.15
N ARG A 10 0.34 5.76 -3.06
CA ARG A 10 0.66 5.54 -4.51
C ARG A 10 1.91 6.34 -4.89
N LEU A 11 2.46 7.03 -3.93
CA LEU A 11 3.69 7.86 -4.13
C LEU A 11 4.84 7.36 -3.23
N MET A 12 4.57 6.35 -2.44
CA MET A 12 5.62 5.78 -1.52
C MET A 12 5.55 4.27 -1.56
N TYR A 13 4.36 3.79 -1.80
CA TYR A 13 4.11 2.32 -1.88
C TYR A 13 4.56 1.70 -0.56
N ASP A 14 3.88 2.18 0.45
CA ASP A 14 4.09 1.77 1.87
C ASP A 14 3.45 0.39 2.09
N CYS A 15 3.33 -0.33 1.00
CA CYS A 15 2.75 -1.71 1.02
C CYS A 15 3.77 -2.84 0.95
N CYS A 16 3.89 -3.51 2.06
CA CYS A 16 4.84 -4.65 2.16
C CYS A 16 4.57 -5.68 1.05
N THR A 17 3.30 -5.87 0.81
CA THR A 17 2.85 -6.84 -0.23
C THR A 17 2.92 -6.33 -1.69
N GLY A 18 3.82 -5.41 -1.92
CA GLY A 18 4.00 -4.85 -3.29
C GLY A 18 3.70 -3.37 -3.56
N SER A 19 2.43 -3.02 -3.67
CA SER A 19 2.09 -1.59 -3.96
C SER A 19 0.68 -1.21 -3.47
N CYS A 20 0.41 0.07 -3.57
CA CYS A 20 -0.89 0.66 -3.15
C CYS A 20 -1.96 0.42 -4.21
N ARG A 21 -3.20 0.55 -3.81
CA ARG A 21 -4.34 0.34 -4.75
C ARG A 21 -5.44 1.31 -4.32
N SER A 22 -5.27 2.52 -4.78
CA SER A 22 -6.22 3.66 -4.52
C SER A 22 -6.28 4.07 -3.03
N GLY A 23 -5.47 3.42 -2.23
CA GLY A 23 -5.46 3.72 -0.76
C GLY A 23 -5.35 2.47 0.10
N LYS A 24 -5.51 1.33 -0.52
CA LYS A 24 -5.43 0.02 0.22
C LYS A 24 -4.34 -0.78 -0.52
N CYS A 25 -3.54 -1.54 0.19
CA CYS A 25 -2.48 -2.30 -0.53
C CYS A 25 -2.94 -3.46 -1.42
#